data_6VPZ
#
_entry.id   6VPZ
#
_cell.length_a   51.250
_cell.length_b   83.070
_cell.length_c   110.120
_cell.angle_alpha   90.000
_cell.angle_beta   90.000
_cell.angle_gamma   90.000
#
_symmetry.space_group_name_H-M   'P 21 21 21'
#
loop_
_entity.id
_entity.type
_entity.pdbx_description
1 polymer 'MHC class I antigen'
2 polymer Beta-2-microglobulin
3 polymer '11-mer peptide'
4 non-polymer GLYCEROL
5 water water
#
loop_
_entity_poly.entity_id
_entity_poly.type
_entity_poly.pdbx_seq_one_letter_code
_entity_poly.pdbx_strand_id
1 'polypeptide(L)'
;GSHSMRYFHTSVSRPGRGEPRFITVGYVDDTLFVRFDSDAASPREEPRAPWIEQEGPEYWDRETQICKAKAQTDREDLRT
LLRYYNQSEAGSHTLQNMYGCDVGPDGRLLRGYHQDAYDGKDYIALNEDLSSWTAADTAAQITQRKWEAARVAEQLRAYL
EGECVEWLRRYLENGKETLQRADPPKTHVTHHPISDHEATLRCWALGFYPAEITLTWQRDGEDQTQDTELVETRPAGDRT
FQKWAAVVVPSGEEQRYTCHVQHEGLPKPLTLRWEP
;
A
2 'polypeptide(L)'
;MIQRTPKIQVYSRHPAENGKSNFLNCYVSGFHPSDIEVDLLKNGERIEKVEHSDLSFSKDWSFYLLYYTEFTPTEKDEYA
CRVNHVTLSQPKIVKWDRDM
;
B
3 'polypeptide(L)' KRWIILGLNKI C
#
loop_
_chem_comp.id
_chem_comp.type
_chem_comp.name
_chem_comp.formula
GOL non-polymer GLYCEROL 'C3 H8 O3'
#
# COMPACT_ATOMS: atom_id res chain seq x y z
N GLY A 1 -20.97 -2.30 2.79
CA GLY A 1 -20.36 -3.62 3.08
C GLY A 1 -19.50 -3.57 4.30
N SER A 2 -18.44 -4.34 4.30
CA SER A 2 -17.48 -4.38 5.40
C SER A 2 -16.47 -3.25 5.23
N HIS A 3 -15.80 -2.90 6.32
CA HIS A 3 -14.88 -1.77 6.36
C HIS A 3 -13.75 -2.04 7.31
N SER A 4 -12.67 -1.29 7.14
CA SER A 4 -11.46 -1.44 7.96
C SER A 4 -10.84 -0.09 8.24
N MET A 5 -10.12 -0.02 9.36
CA MET A 5 -9.29 1.15 9.73
C MET A 5 -7.96 0.62 10.15
N ARG A 6 -6.90 1.22 9.63
CA ARG A 6 -5.55 0.77 9.88
C ARG A 6 -4.59 1.94 10.07
N TYR A 7 -3.64 1.79 11.00
CA TYR A 7 -2.54 2.74 11.20
C TYR A 7 -1.23 2.00 11.00
N PHE A 8 -0.42 2.51 10.05
CA PHE A 8 0.84 1.92 9.67
C PHE A 8 1.99 2.81 10.15
N HIS A 9 3.05 2.19 10.66
CA HIS A 9 4.18 2.95 11.22
C HIS A 9 5.47 2.29 10.76
N THR A 10 6.43 3.12 10.36
CA THR A 10 7.74 2.67 9.96
C THR A 10 8.82 3.61 10.57
N SER A 11 9.76 3.03 11.29
CA SER A 11 10.99 3.74 11.70
C SER A 11 12.19 3.09 11.05
N VAL A 12 13.08 3.92 10.50
CA VAL A 12 14.29 3.45 9.82
C VAL A 12 15.52 4.16 10.38
N SER A 13 16.41 3.41 11.02
CA SER A 13 17.63 4.00 11.58
C SER A 13 18.63 4.37 10.48
N ARG A 14 19.45 5.37 10.76
CA ARG A 14 20.43 5.85 9.79
C ARG A 14 21.68 6.32 10.55
N PRO A 15 22.49 5.37 11.05
CA PRO A 15 23.65 5.75 11.87
C PRO A 15 24.56 6.75 11.15
N GLY A 16 24.92 7.81 11.87
CA GLY A 16 25.78 8.83 11.30
C GLY A 16 25.03 9.91 10.52
N ARG A 17 23.70 9.80 10.42
CA ARG A 17 22.87 10.75 9.68
C ARG A 17 21.68 11.17 10.48
N GLY A 18 21.86 11.28 11.78
CA GLY A 18 20.82 11.72 12.67
C GLY A 18 19.99 10.54 13.22
N GLU A 19 18.84 10.87 13.77
CA GLU A 19 17.96 9.96 14.45
C GLU A 19 17.05 9.26 13.45
N PRO A 20 16.43 8.14 13.86
CA PRO A 20 15.66 7.39 12.89
C PRO A 20 14.47 8.19 12.31
N ARG A 21 14.21 8.01 11.03
CA ARG A 21 13.09 8.66 10.40
C ARG A 21 11.84 7.86 10.66
N PHE A 22 10.74 8.55 11.00
CA PHE A 22 9.53 7.92 11.40
C PHE A 22 8.43 8.47 10.52
N ILE A 23 7.71 7.56 9.86
CA ILE A 23 6.57 7.88 9.03
C ILE A 23 5.40 6.99 9.44
N THR A 24 4.23 7.62 9.66
CA THR A 24 3.02 6.90 9.91
C THR A 24 1.86 7.45 9.06
N VAL A 25 1.02 6.54 8.56
CA VAL A 25 -0.15 6.91 7.79
C VAL A 25 -1.35 6.10 8.31
N GLY A 26 -2.53 6.68 8.17
CA GLY A 26 -3.78 6.00 8.55
C GLY A 26 -4.71 5.87 7.36
N TYR A 27 -5.40 4.74 7.31
CA TYR A 27 -6.30 4.39 6.21
C TYR A 27 -7.65 3.94 6.72
N VAL A 28 -8.70 4.33 5.99
CA VAL A 28 -10.00 3.72 6.10
C VAL A 28 -10.27 3.05 4.78
N ASP A 29 -10.46 1.72 4.83
CA ASP A 29 -10.46 0.90 3.61
C ASP A 29 -9.20 1.27 2.80
N ASP A 30 -9.36 1.64 1.54
CA ASP A 30 -8.25 2.02 0.69
C ASP A 30 -8.03 3.55 0.55
N THR A 31 -8.52 4.32 1.51
CA THR A 31 -8.45 5.81 1.46
C THR A 31 -7.51 6.32 2.57
N LEU A 32 -6.41 6.90 2.15
CA LEU A 32 -5.49 7.58 3.05
C LEU A 32 -6.16 8.82 3.64
N PHE A 33 -6.12 8.95 4.97
CA PHE A 33 -6.70 10.13 5.59
C PHE A 33 -5.83 10.93 6.54
N VAL A 34 -4.74 10.34 7.03
CA VAL A 34 -3.79 11.09 7.90
C VAL A 34 -2.38 10.65 7.62
N ARG A 35 -1.44 11.57 7.81
CA ARG A 35 -0.04 11.30 7.69
C ARG A 35 0.81 12.08 8.67
N PHE A 36 1.99 11.55 8.97
CA PHE A 36 2.96 12.21 9.88
C PHE A 36 4.35 11.76 9.49
N ASP A 37 5.26 12.72 9.33
CA ASP A 37 6.65 12.44 8.90
C ASP A 37 7.61 13.25 9.78
N SER A 38 8.44 12.56 10.55
CA SER A 38 9.37 13.23 11.45
C SER A 38 10.39 14.15 10.73
N ASP A 39 10.64 13.94 9.44
CA ASP A 39 11.51 14.81 8.66
C ASP A 39 10.82 16.05 8.09
N ALA A 40 9.54 16.25 8.37
CA ALA A 40 8.84 17.45 7.87
C ALA A 40 9.34 18.68 8.59
N ALA A 41 9.07 19.84 8.00
CA ALA A 41 9.60 21.14 8.55
C ALA A 41 9.17 21.36 9.99
N SER A 42 7.86 21.30 10.24
CA SER A 42 7.30 21.36 11.60
C SER A 42 6.34 20.17 11.79
N PRO A 43 6.89 19.00 12.15
CA PRO A 43 6.12 17.75 12.07
C PRO A 43 4.83 17.82 12.86
N ARG A 44 3.71 17.69 12.14
CA ARG A 44 2.40 17.48 12.73
C ARG A 44 1.65 16.41 11.90
N GLU A 45 0.64 15.81 12.48
CA GLU A 45 -0.26 14.96 11.68
C GLU A 45 -1.15 15.87 10.86
N GLU A 46 -1.24 15.60 9.57
CA GLU A 46 -1.91 16.42 8.64
C GLU A 46 -3.07 15.66 7.98
N PRO A 47 -4.17 16.36 7.66
CA PRO A 47 -5.27 15.70 6.96
C PRO A 47 -4.91 15.33 5.53
N ARG A 48 -5.48 14.23 5.07
CA ARG A 48 -5.30 13.80 3.67
C ARG A 48 -6.60 13.42 2.98
N ALA A 49 -7.73 13.70 3.61
CA ALA A 49 -9.04 13.41 3.05
C ALA A 49 -9.99 14.50 3.48
N PRO A 50 -10.96 14.84 2.62
CA PRO A 50 -11.83 15.98 2.97
C PRO A 50 -12.63 15.77 4.25
N TRP A 51 -13.10 14.56 4.47
CA TRP A 51 -14.01 14.27 5.58
C TRP A 51 -13.35 14.25 6.96
N ILE A 52 -12.02 14.26 7.03
CA ILE A 52 -11.32 14.33 8.29
C ILE A 52 -10.98 15.75 8.65
N GLU A 53 -11.04 16.65 7.68
CA GLU A 53 -10.68 18.08 7.96
C GLU A 53 -11.55 18.75 9.01
N GLN A 54 -12.79 18.31 9.17
CA GLN A 54 -13.70 18.89 10.14
C GLN A 54 -13.36 18.59 11.60
N GLU A 55 -12.45 17.67 11.86
CA GLU A 55 -12.08 17.41 13.24
C GLU A 55 -11.43 18.68 13.83
N GLY A 56 -11.71 18.90 15.12
CA GLY A 56 -11.25 20.12 15.81
C GLY A 56 -9.76 20.18 16.00
N PRO A 57 -9.26 21.34 16.48
CA PRO A 57 -7.84 21.44 16.76
C PRO A 57 -7.36 20.51 17.88
N GLU A 58 -8.23 20.17 18.82
CA GLU A 58 -7.90 19.21 19.85
C GLU A 58 -7.54 17.83 19.25
N TYR A 59 -8.25 17.45 18.20
CA TYR A 59 -8.01 16.18 17.49
C TYR A 59 -6.60 16.14 16.95
N TRP A 60 -6.21 17.20 16.22
CA TRP A 60 -4.89 17.27 15.67
C TRP A 60 -3.74 17.37 16.68
N ASP A 61 -3.98 18.09 17.78
CA ASP A 61 -2.95 18.21 18.84
C ASP A 61 -2.74 16.89 19.52
N ARG A 62 -3.82 16.23 19.90
CA ARG A 62 -3.70 14.91 20.53
C ARG A 62 -3.09 13.85 19.56
N GLU A 63 -3.53 13.85 18.30
CA GLU A 63 -3.00 12.93 17.29
C GLU A 63 -1.50 13.18 17.05
N THR A 64 -1.10 14.45 17.02
CA THR A 64 0.28 14.80 16.84
C THR A 64 1.12 14.34 18.01
N GLN A 65 0.61 14.53 19.21
CA GLN A 65 1.31 14.09 20.41
C GLN A 65 1.49 12.56 20.43
N ILE A 66 0.46 11.83 20.03
CA ILE A 66 0.57 10.35 19.94
C ILE A 66 1.66 9.95 18.93
N CYS A 67 1.68 10.60 17.74
CA CYS A 67 2.67 10.31 16.76
C CYS A 67 4.08 10.55 17.29
N LYS A 68 4.26 11.68 17.97
CA LYS A 68 5.61 12.03 18.44
C LYS A 68 6.08 11.04 19.50
N ALA A 69 5.15 10.60 20.35
CA ALA A 69 5.49 9.63 21.41
C ALA A 69 5.87 8.30 20.79
N LYS A 70 5.13 7.87 19.78
CA LYS A 70 5.48 6.65 19.05
C LYS A 70 6.85 6.73 18.39
N ALA A 71 7.20 7.89 17.83
CA ALA A 71 8.50 8.07 17.25
C ALA A 71 9.62 7.87 18.27
N GLN A 72 9.44 8.39 19.48
CA GLN A 72 10.46 8.23 20.53
C GLN A 72 10.54 6.78 21.04
N THR A 73 9.37 6.15 21.24
CA THR A 73 9.42 4.75 21.69
C THR A 73 10.08 3.84 20.61
N ASP A 74 9.81 4.10 19.33
CA ASP A 74 10.42 3.35 18.27
C ASP A 74 11.96 3.48 18.33
N ARG A 75 12.45 4.66 18.69
CA ARG A 75 13.86 4.91 18.75
C ARG A 75 14.51 4.09 19.85
N GLU A 76 13.87 4.06 21.00
CA GLU A 76 14.32 3.19 22.07
C GLU A 76 14.23 1.69 21.69
N ASP A 77 13.12 1.30 21.07
CA ASP A 77 12.97 -0.07 20.61
C ASP A 77 14.05 -0.50 19.63
N LEU A 78 14.43 0.39 18.70
CA LEU A 78 15.49 0.05 17.76
C LEU A 78 16.83 -0.20 18.48
N ARG A 79 17.12 0.59 19.51
CA ARG A 79 18.28 0.37 20.33
C ARG A 79 18.18 -0.97 21.06
N THR A 80 17.00 -1.28 21.59
CA THR A 80 16.78 -2.51 22.28
C THR A 80 17.01 -3.72 21.35
N LEU A 81 16.49 -3.64 20.13
CA LEU A 81 16.57 -4.75 19.23
C LEU A 81 18.01 -5.09 18.83
N LEU A 82 18.87 -4.08 18.75
CA LEU A 82 20.30 -4.36 18.53
C LEU A 82 20.86 -5.29 19.58
N ARG A 83 20.44 -5.12 20.82
CA ARG A 83 20.87 -5.99 21.90
C ARG A 83 20.28 -7.38 21.79
N TYR A 84 18.97 -7.49 21.54
CA TYR A 84 18.30 -8.81 21.37
C TYR A 84 18.91 -9.68 20.30
N TYR A 85 19.36 -9.06 19.22
CA TYR A 85 19.96 -9.79 18.11
C TYR A 85 21.48 -9.68 18.02
N ASN A 86 22.10 -9.12 19.05
CA ASN A 86 23.58 -9.04 19.14
C ASN A 86 24.15 -8.38 17.88
N GLN A 87 23.54 -7.29 17.48
CA GLN A 87 23.90 -6.61 16.22
C GLN A 87 24.82 -5.41 16.47
N SER A 88 25.61 -5.07 15.48
CA SER A 88 26.39 -3.83 15.47
C SER A 88 25.50 -2.61 15.47
N GLU A 89 26.07 -1.49 15.88
CA GLU A 89 25.42 -0.17 15.73
C GLU A 89 25.67 0.54 14.41
N ALA A 90 26.32 -0.14 13.46
CA ALA A 90 26.73 0.51 12.20
C ALA A 90 25.67 0.48 11.10
N GLY A 91 24.77 -0.50 11.12
CA GLY A 91 23.83 -0.68 10.04
C GLY A 91 22.45 -0.05 10.27
N SER A 92 21.72 0.09 9.17
CA SER A 92 20.38 0.60 9.17
C SER A 92 19.40 -0.55 9.40
N HIS A 93 18.47 -0.32 10.34
CA HIS A 93 17.43 -1.30 10.63
C HIS A 93 16.04 -0.69 10.58
N THR A 94 15.04 -1.57 10.46
CA THR A 94 13.63 -1.15 10.26
C THR A 94 12.71 -1.74 11.33
N LEU A 95 11.83 -0.91 11.88
CA LEU A 95 10.75 -1.37 12.75
C LEU A 95 9.43 -0.96 12.14
N GLN A 96 8.55 -1.95 11.93
CA GLN A 96 7.21 -1.71 11.38
C GLN A 96 6.15 -2.15 12.35
N ASN A 97 5.04 -1.43 12.37
CA ASN A 97 3.92 -1.74 13.20
C ASN A 97 2.62 -1.37 12.44
N MET A 98 1.64 -2.28 12.50
CA MET A 98 0.29 -2.05 12.05
C MET A 98 -0.67 -2.43 13.14
N TYR A 99 -1.72 -1.63 13.30
CA TYR A 99 -2.88 -2.00 14.12
C TYR A 99 -4.15 -1.41 13.54
N GLY A 100 -5.26 -1.97 13.93
CA GLY A 100 -6.56 -1.56 13.40
C GLY A 100 -7.66 -2.57 13.66
N CYS A 101 -8.80 -2.28 13.09
CA CYS A 101 -10.00 -3.09 13.27
C CYS A 101 -10.76 -3.26 11.98
N ASP A 102 -11.47 -4.38 11.87
CA ASP A 102 -12.44 -4.61 10.84
C ASP A 102 -13.84 -4.69 11.43
N VAL A 103 -14.79 -4.09 10.75
CA VAL A 103 -16.20 -4.11 11.12
C VAL A 103 -17.03 -4.62 9.96
N GLY A 104 -18.14 -5.28 10.31
CA GLY A 104 -19.10 -5.77 9.32
C GLY A 104 -20.10 -4.70 8.90
N PRO A 105 -21.03 -5.06 7.99
CA PRO A 105 -22.06 -4.11 7.54
C PRO A 105 -22.88 -3.46 8.64
N ASP A 106 -23.14 -4.21 9.69
CA ASP A 106 -23.83 -3.67 10.86
C ASP A 106 -22.94 -2.81 11.78
N GLY A 107 -21.69 -2.58 11.37
CA GLY A 107 -20.74 -1.82 12.20
C GLY A 107 -20.20 -2.55 13.42
N ARG A 108 -20.49 -3.86 13.54
CA ARG A 108 -20.01 -4.63 14.66
C ARG A 108 -18.59 -5.11 14.38
N LEU A 109 -17.79 -5.29 15.42
CA LEU A 109 -16.41 -5.67 15.28
C LEU A 109 -16.32 -7.06 14.71
N LEU A 110 -15.61 -7.21 13.58
CA LEU A 110 -15.26 -8.51 13.06
C LEU A 110 -13.94 -9.07 13.65
N ARG A 111 -12.87 -8.26 13.64
CA ARG A 111 -11.65 -8.62 14.35
C ARG A 111 -10.68 -7.43 14.44
N GLY A 112 -9.80 -7.48 15.41
CA GLY A 112 -8.74 -6.47 15.54
C GLY A 112 -7.38 -7.05 15.24
N TYR A 113 -6.40 -6.15 15.13
CA TYR A 113 -5.03 -6.46 14.70
C TYR A 113 -4.02 -5.56 15.44
N HIS A 114 -2.88 -6.14 15.77
CA HIS A 114 -1.71 -5.42 16.21
C HIS A 114 -0.48 -6.30 16.00
N GLN A 115 0.38 -5.93 15.07
CA GLN A 115 1.50 -6.76 14.62
C GLN A 115 2.76 -5.88 14.42
N ASP A 116 3.92 -6.45 14.72
CA ASP A 116 5.22 -5.79 14.50
C ASP A 116 6.13 -6.66 13.64
N ALA A 117 7.06 -5.99 12.94
CA ALA A 117 8.07 -6.60 12.21
C ALA A 117 9.41 -5.87 12.35
N TYR A 118 10.49 -6.65 12.43
CA TYR A 118 11.86 -6.10 12.52
C TYR A 118 12.61 -6.53 11.28
N ASP A 119 13.18 -5.55 10.58
CA ASP A 119 13.91 -5.80 9.37
C ASP A 119 13.13 -6.63 8.37
N GLY A 120 11.84 -6.33 8.25
CA GLY A 120 10.96 -6.98 7.28
C GLY A 120 10.53 -8.40 7.64
N LYS A 121 10.85 -8.87 8.84
CA LYS A 121 10.47 -10.18 9.32
C LYS A 121 9.48 -10.07 10.50
N ASP A 122 8.46 -10.92 10.48
CA ASP A 122 7.50 -10.99 11.55
C ASP A 122 8.21 -11.12 12.91
N TYR A 123 7.79 -10.30 13.86
CA TYR A 123 8.43 -10.23 15.16
C TYR A 123 7.44 -10.71 16.22
N ILE A 124 6.37 -9.98 16.44
CA ILE A 124 5.34 -10.37 17.44
C ILE A 124 4.00 -9.87 16.92
N ALA A 125 2.96 -10.59 17.25
CA ALA A 125 1.61 -10.28 16.80
C ALA A 125 0.59 -10.58 17.89
N LEU A 126 -0.39 -9.70 18.04
CA LEU A 126 -1.54 -9.98 18.88
C LEU A 126 -2.43 -11.04 18.20
N ASN A 127 -2.86 -12.05 18.96
CA ASN A 127 -3.69 -13.09 18.39
C ASN A 127 -5.12 -12.58 18.23
N GLU A 128 -5.91 -13.32 17.46
CA GLU A 128 -7.28 -12.94 17.17
C GLU A 128 -8.15 -12.81 18.43
N ASP A 129 -7.81 -13.56 19.48
CA ASP A 129 -8.49 -13.45 20.75
C ASP A 129 -8.33 -12.11 21.44
N LEU A 130 -7.42 -11.26 20.97
CA LEU A 130 -7.13 -9.99 21.59
C LEU A 130 -6.67 -10.12 23.02
N SER A 131 -6.08 -11.28 23.35
CA SER A 131 -5.60 -11.52 24.70
C SER A 131 -4.28 -12.28 24.83
N SER A 132 -3.82 -12.94 23.77
CA SER A 132 -2.58 -13.67 23.80
C SER A 132 -1.71 -13.18 22.62
N TRP A 133 -0.42 -13.54 22.66
CA TRP A 133 0.58 -13.13 21.69
C TRP A 133 1.21 -14.32 21.01
N THR A 134 1.69 -14.09 19.79
CA THR A 134 2.53 -15.04 19.08
C THR A 134 3.87 -14.36 18.81
N ALA A 135 4.94 -14.86 19.43
CA ALA A 135 6.30 -14.40 19.23
C ALA A 135 7.05 -15.27 18.21
N ALA A 136 7.75 -14.62 17.29
CA ALA A 136 8.40 -15.31 16.19
C ALA A 136 9.69 -16.04 16.59
N ASP A 137 10.37 -15.59 17.64
CA ASP A 137 11.65 -16.15 18.01
C ASP A 137 11.94 -15.84 19.47
N THR A 138 13.14 -16.22 19.92
CA THR A 138 13.50 -16.04 21.32
C THR A 138 13.67 -14.60 21.71
N ALA A 139 14.03 -13.77 20.75
CA ALA A 139 14.05 -12.33 20.99
C ALA A 139 12.66 -11.79 21.28
N ALA A 140 11.70 -12.13 20.43
CA ALA A 140 10.35 -11.67 20.61
C ALA A 140 9.70 -12.27 21.82
N GLN A 141 10.16 -13.42 22.26
CA GLN A 141 9.65 -13.99 23.55
C GLN A 141 9.97 -13.08 24.71
N ILE A 142 11.08 -12.36 24.64
CA ILE A 142 11.39 -11.40 25.72
C ILE A 142 10.40 -10.24 25.71
N THR A 143 10.10 -9.73 24.52
CA THR A 143 9.07 -8.71 24.39
C THR A 143 7.71 -9.22 24.89
N GLN A 144 7.35 -10.44 24.49
CA GLN A 144 6.06 -11.05 24.95
C GLN A 144 5.98 -11.09 26.48
N ARG A 145 7.05 -11.56 27.11
CA ARG A 145 7.11 -11.60 28.56
CA ARG A 145 7.14 -11.60 28.56
C ARG A 145 6.92 -10.23 29.17
N LYS A 146 7.57 -9.23 28.63
CA LYS A 146 7.37 -7.83 29.08
C LYS A 146 5.92 -7.38 28.89
N TRP A 147 5.35 -7.64 27.70
CA TRP A 147 4.01 -7.16 27.42
C TRP A 147 2.97 -7.85 28.25
N GLU A 148 3.17 -9.14 28.53
CA GLU A 148 2.30 -9.85 29.41
C GLU A 148 2.35 -9.27 30.83
N ALA A 149 3.55 -8.97 31.32
CA ALA A 149 3.67 -8.41 32.64
C ALA A 149 2.96 -7.07 32.78
N ALA A 150 3.00 -6.25 31.74
CA ALA A 150 2.44 -4.89 31.80
C ALA A 150 0.95 -4.81 31.35
N ARG A 151 0.33 -5.96 31.11
CA ARG A 151 -1.07 -6.03 30.71
C ARG A 151 -1.37 -5.23 29.44
N VAL A 152 -0.51 -5.38 28.45
CA VAL A 152 -0.62 -4.61 27.23
C VAL A 152 -1.84 -5.05 26.42
N ALA A 153 -2.03 -6.35 26.28
CA ALA A 153 -3.14 -6.84 25.48
C ALA A 153 -4.49 -6.36 25.99
N GLU A 154 -4.63 -6.22 27.31
CA GLU A 154 -5.89 -5.74 27.89
C GLU A 154 -6.23 -4.33 27.41
N GLN A 155 -5.22 -3.45 27.39
CA GLN A 155 -5.45 -2.10 26.92
C GLN A 155 -5.72 -2.09 25.40
N LEU A 156 -5.02 -2.94 24.67
CA LEU A 156 -5.24 -3.05 23.24
C LEU A 156 -6.64 -3.52 22.93
N ARG A 157 -7.09 -4.57 23.63
CA ARG A 157 -8.43 -5.10 23.43
C ARG A 157 -9.49 -4.03 23.67
N ALA A 158 -9.25 -3.18 24.67
CA ALA A 158 -10.22 -2.16 25.00
C ALA A 158 -10.28 -1.11 23.90
N TYR A 159 -9.12 -0.78 23.34
CA TYR A 159 -9.06 0.14 22.23
C TYR A 159 -9.72 -0.43 21.01
N LEU A 160 -9.38 -1.69 20.68
CA LEU A 160 -9.85 -2.28 19.42
C LEU A 160 -11.35 -2.51 19.41
N GLU A 161 -11.91 -2.93 20.53
CA GLU A 161 -13.37 -3.11 20.65
C GLU A 161 -14.12 -1.79 20.87
N GLY A 162 -13.45 -0.74 21.34
CA GLY A 162 -14.11 0.52 21.69
C GLY A 162 -13.87 1.65 20.67
N GLU A 163 -12.84 2.46 20.91
CA GLU A 163 -12.58 3.61 20.09
C GLU A 163 -12.31 3.29 18.62
N CYS A 164 -11.58 2.19 18.33
CA CYS A 164 -11.28 1.86 16.95
C CYS A 164 -12.59 1.68 16.17
N VAL A 165 -13.49 0.88 16.71
CA VAL A 165 -14.78 0.63 16.04
C VAL A 165 -15.65 1.89 16.00
N GLU A 166 -15.73 2.63 17.12
CA GLU A 166 -16.61 3.78 17.22
CA GLU A 166 -16.62 3.78 17.20
C GLU A 166 -16.15 4.93 16.31
N TRP A 167 -14.86 5.18 16.27
CA TRP A 167 -14.36 6.23 15.43
C TRP A 167 -14.35 5.84 13.92
N LEU A 168 -14.19 4.56 13.63
CA LEU A 168 -14.32 4.11 12.27
C LEU A 168 -15.78 4.35 11.78
N ARG A 169 -16.75 4.08 12.62
CA ARG A 169 -18.17 4.34 12.30
C ARG A 169 -18.41 5.81 12.03
N ARG A 170 -17.80 6.66 12.85
CA ARG A 170 -17.88 8.09 12.67
C ARG A 170 -17.26 8.54 11.36
N TYR A 171 -16.09 8.01 11.02
CA TYR A 171 -15.41 8.37 9.79
C TYR A 171 -16.26 7.92 8.59
N LEU A 172 -16.86 6.74 8.70
CA LEU A 172 -17.66 6.23 7.61
C LEU A 172 -18.87 7.12 7.34
N GLU A 173 -19.45 7.68 8.41
CA GLU A 173 -20.61 8.59 8.25
C GLU A 173 -20.23 9.94 7.68
N ASN A 174 -19.15 10.53 8.18
CA ASN A 174 -18.70 11.82 7.74
C ASN A 174 -18.20 11.81 6.30
N GLY A 175 -17.59 10.70 5.87
CA GLY A 175 -17.12 10.56 4.50
C GLY A 175 -17.97 9.64 3.64
N LYS A 176 -19.24 9.54 3.96
CA LYS A 176 -20.10 8.57 3.26
C LYS A 176 -20.23 8.83 1.75
N GLU A 177 -20.04 10.09 1.33
CA GLU A 177 -20.01 10.40 -0.11
C GLU A 177 -19.01 9.53 -0.85
N THR A 178 -17.81 9.36 -0.27
CA THR A 178 -16.72 8.61 -0.91
C THR A 178 -16.46 7.24 -0.31
N LEU A 179 -16.43 7.13 1.02
CA LEU A 179 -16.15 5.87 1.65
C LEU A 179 -17.20 4.81 1.38
N GLN A 180 -18.45 5.21 1.20
CA GLN A 180 -19.55 4.28 0.99
C GLN A 180 -20.02 4.26 -0.47
N ARG A 181 -19.13 4.65 -1.37
CA ARG A 181 -19.41 4.59 -2.81
C ARG A 181 -18.37 3.70 -3.45
N ALA A 182 -18.83 2.69 -4.17
CA ALA A 182 -17.98 1.84 -4.96
C ALA A 182 -18.05 2.25 -6.43
N ASP A 183 -16.89 2.55 -7.03
CA ASP A 183 -16.82 2.94 -8.42
C ASP A 183 -16.47 1.73 -9.24
N PRO A 184 -17.37 1.32 -10.14
CA PRO A 184 -17.12 0.08 -10.90
C PRO A 184 -15.96 0.29 -11.92
N PRO A 185 -15.27 -0.78 -12.31
CA PRO A 185 -14.23 -0.63 -13.27
C PRO A 185 -14.77 -0.38 -14.66
N LYS A 186 -14.09 0.50 -15.39
CA LYS A 186 -14.25 0.62 -16.85
C LYS A 186 -13.32 -0.38 -17.52
N THR A 187 -13.87 -1.20 -18.38
CA THR A 187 -13.16 -2.35 -18.93
C THR A 187 -13.10 -2.33 -20.45
N HIS A 188 -12.01 -2.87 -20.98
CA HIS A 188 -11.85 -3.13 -22.44
C HIS A 188 -10.75 -4.15 -22.65
N VAL A 189 -10.74 -4.77 -23.83
CA VAL A 189 -9.78 -5.78 -24.22
C VAL A 189 -8.99 -5.28 -25.42
N THR A 190 -7.67 -5.40 -25.33
CA THR A 190 -6.76 -5.02 -26.41
C THR A 190 -6.04 -6.22 -27.00
N HIS A 191 -5.53 -6.04 -28.23
CA HIS A 191 -4.97 -7.13 -29.04
C HIS A 191 -3.68 -6.63 -29.66
N HIS A 192 -2.58 -7.27 -29.32
CA HIS A 192 -1.23 -6.92 -29.82
C HIS A 192 -0.57 -8.17 -30.44
N PRO A 193 -0.50 -8.23 -31.78
CA PRO A 193 0.20 -9.36 -32.39
C PRO A 193 1.71 -9.36 -32.05
N ILE A 194 2.23 -10.52 -31.73
CA ILE A 194 3.65 -10.67 -31.39
C ILE A 194 4.43 -11.40 -32.49
N SER A 195 3.74 -12.20 -33.30
CA SER A 195 4.33 -12.89 -34.43
C SER A 195 3.21 -13.24 -35.39
N ASP A 196 3.50 -14.02 -36.43
CA ASP A 196 2.47 -14.56 -37.30
C ASP A 196 1.58 -15.61 -36.62
N HIS A 197 2.01 -16.17 -35.49
CA HIS A 197 1.38 -17.37 -34.92
C HIS A 197 0.54 -17.03 -33.68
N GLU A 198 0.95 -16.02 -32.90
CA GLU A 198 0.25 -15.72 -31.66
C GLU A 198 0.15 -14.21 -31.41
N ALA A 199 -0.76 -13.86 -30.51
CA ALA A 199 -1.02 -12.48 -30.15
C ALA A 199 -1.37 -12.38 -28.66
N THR A 200 -1.25 -11.17 -28.13
CA THR A 200 -1.49 -10.90 -26.72
C THR A 200 -2.84 -10.25 -26.58
N LEU A 201 -3.71 -10.88 -25.80
CA LEU A 201 -4.97 -10.26 -25.37
C LEU A 201 -4.77 -9.73 -23.93
N ARG A 202 -5.10 -8.46 -23.73
CA ARG A 202 -4.94 -7.82 -22.41
C ARG A 202 -6.29 -7.28 -21.98
N CYS A 203 -6.73 -7.72 -20.81
CA CYS A 203 -8.02 -7.30 -20.24
C CYS A 203 -7.73 -6.19 -19.23
N TRP A 204 -8.32 -5.01 -19.46
CA TRP A 204 -8.09 -3.82 -18.68
C TRP A 204 -9.26 -3.50 -17.72
N ALA A 205 -8.93 -3.05 -16.53
CA ALA A 205 -9.87 -2.53 -15.55
C ALA A 205 -9.29 -1.22 -15.04
N LEU A 206 -10.06 -0.14 -15.18
CA LEU A 206 -9.58 1.20 -14.85
C LEU A 206 -10.64 1.94 -14.02
N GLY A 207 -10.16 2.83 -13.19
CA GLY A 207 -11.01 3.80 -12.49
C GLY A 207 -11.90 3.21 -11.40
N PHE A 208 -11.52 2.10 -10.81
CA PHE A 208 -12.37 1.43 -9.80
C PHE A 208 -11.91 1.74 -8.36
N TYR A 209 -12.88 1.66 -7.45
CA TYR A 209 -12.66 1.78 -5.98
C TYR A 209 -13.73 0.94 -5.34
N PRO A 210 -13.38 0.15 -4.33
CA PRO A 210 -12.06 -0.04 -3.74
C PRO A 210 -11.13 -0.93 -4.58
N ALA A 211 -9.94 -1.22 -4.08
CA ALA A 211 -8.90 -1.87 -4.85
C ALA A 211 -9.17 -3.32 -5.16
N GLU A 212 -9.89 -4.00 -4.26
CA GLU A 212 -10.19 -5.42 -4.43
C GLU A 212 -10.93 -5.68 -5.74
N ILE A 213 -10.42 -6.65 -6.52
CA ILE A 213 -10.97 -6.97 -7.81
C ILE A 213 -10.45 -8.35 -8.23
N THR A 214 -11.23 -9.03 -9.07
CA THR A 214 -10.82 -10.29 -9.69
C THR A 214 -10.90 -10.22 -11.22
N LEU A 215 -9.76 -10.41 -11.87
CA LEU A 215 -9.65 -10.45 -13.33
C LEU A 215 -9.13 -11.81 -13.72
N THR A 216 -9.87 -12.52 -14.53
CA THR A 216 -9.53 -13.89 -14.92
C THR A 216 -9.77 -14.03 -16.44
N TRP A 217 -8.83 -14.76 -17.11
CA TRP A 217 -8.99 -15.21 -18.48
C TRP A 217 -9.44 -16.68 -18.47
N GLN A 218 -10.40 -16.99 -19.34
CA GLN A 218 -10.86 -18.36 -19.55
C GLN A 218 -10.64 -18.74 -21.00
N ARG A 219 -10.19 -19.98 -21.21
CA ARG A 219 -10.10 -20.56 -22.54
C ARG A 219 -11.08 -21.74 -22.58
N ASP A 220 -12.10 -21.63 -23.42
CA ASP A 220 -13.17 -22.64 -23.55
C ASP A 220 -13.88 -22.90 -22.24
N GLY A 221 -13.87 -21.90 -21.35
CA GLY A 221 -14.53 -22.02 -20.05
C GLY A 221 -13.66 -22.46 -18.89
N GLU A 222 -12.40 -22.81 -19.14
CA GLU A 222 -11.45 -23.16 -18.08
C GLU A 222 -10.48 -22.03 -17.78
N ASP A 223 -10.21 -21.79 -16.51
CA ASP A 223 -9.33 -20.73 -16.09
C ASP A 223 -7.90 -20.93 -16.61
N GLN A 224 -7.30 -19.87 -17.11
CA GLN A 224 -5.94 -19.88 -17.58
C GLN A 224 -4.99 -19.36 -16.49
N THR A 225 -5.18 -19.87 -15.28
CA THR A 225 -4.43 -19.42 -14.13
C THR A 225 -2.91 -19.41 -14.36
N GLN A 226 -2.39 -20.52 -14.82
CA GLN A 226 -0.96 -20.64 -15.00
C GLN A 226 -0.36 -19.85 -16.18
N ASP A 227 -1.16 -19.57 -17.19
CA ASP A 227 -0.69 -18.82 -18.34
C ASP A 227 -1.12 -17.35 -18.37
N THR A 228 -1.81 -16.89 -17.35
CA THR A 228 -2.20 -15.48 -17.28
C THR A 228 -1.08 -14.64 -16.64
N GLU A 229 -0.69 -13.54 -17.28
CA GLU A 229 0.18 -12.59 -16.66
C GLU A 229 -0.73 -11.55 -15.98
N LEU A 230 -0.59 -11.41 -14.66
CA LEU A 230 -1.47 -10.57 -13.84
C LEU A 230 -0.60 -9.58 -13.08
N VAL A 231 -0.67 -8.29 -13.43
CA VAL A 231 0.08 -7.26 -12.71
C VAL A 231 -0.59 -6.85 -11.40
N GLU A 232 0.22 -6.36 -10.47
CA GLU A 232 -0.26 -5.89 -9.21
C GLU A 232 -1.25 -4.73 -9.42
N THR A 233 -2.32 -4.72 -8.65
CA THR A 233 -3.25 -3.62 -8.66
C THR A 233 -2.51 -2.36 -8.26
N ARG A 234 -2.74 -1.29 -9.02
CA ARG A 234 -1.92 -0.07 -8.91
C ARG A 234 -2.79 1.16 -8.76
N PRO A 235 -2.30 2.17 -8.03
CA PRO A 235 -3.11 3.37 -7.80
C PRO A 235 -2.97 4.40 -8.96
N ALA A 236 -4.10 4.94 -9.39
CA ALA A 236 -4.08 5.91 -10.48
C ALA A 236 -3.62 7.27 -9.98
N GLY A 237 -3.80 7.50 -8.70
CA GLY A 237 -3.47 8.77 -8.09
C GLY A 237 -4.59 9.70 -7.82
N ASP A 238 -5.83 9.36 -8.21
CA ASP A 238 -7.03 10.18 -7.96
C ASP A 238 -8.01 9.43 -7.10
N ARG A 239 -7.53 8.53 -6.26
CA ARG A 239 -8.37 7.62 -5.41
C ARG A 239 -8.62 6.26 -6.09
N THR A 240 -8.65 6.21 -7.41
CA THR A 240 -9.00 4.96 -8.12
C THR A 240 -7.78 4.06 -8.40
N PHE A 241 -8.06 2.81 -8.80
CA PHE A 241 -7.05 1.81 -9.03
C PHE A 241 -7.17 1.25 -10.45
N GLN A 242 -6.13 0.54 -10.86
CA GLN A 242 -6.03 -0.03 -12.18
C GLN A 242 -5.42 -1.44 -12.07
N LYS A 243 -5.73 -2.27 -13.07
CA LYS A 243 -5.21 -3.63 -13.15
C LYS A 243 -5.44 -4.17 -14.55
N TRP A 244 -4.54 -5.03 -15.01
CA TRP A 244 -4.77 -5.78 -16.22
C TRP A 244 -4.31 -7.20 -16.10
N ALA A 245 -4.84 -8.03 -16.99
CA ALA A 245 -4.48 -9.44 -17.12
C ALA A 245 -4.29 -9.79 -18.59
N ALA A 246 -3.19 -10.47 -18.92
CA ALA A 246 -2.84 -10.76 -20.32
C ALA A 246 -2.67 -12.25 -20.53
N VAL A 247 -2.93 -12.66 -21.74
CA VAL A 247 -2.74 -14.04 -22.14
C VAL A 247 -2.24 -14.02 -23.60
N VAL A 248 -1.40 -15.01 -23.92
CA VAL A 248 -0.89 -15.19 -25.27
C VAL A 248 -1.67 -16.29 -25.96
N VAL A 249 -2.34 -15.96 -27.06
CA VAL A 249 -3.29 -16.89 -27.68
C VAL A 249 -2.83 -17.21 -29.11
N PRO A 250 -3.07 -18.44 -29.59
CA PRO A 250 -2.80 -18.71 -30.99
C PRO A 250 -3.72 -17.90 -31.90
N SER A 251 -3.13 -17.34 -32.94
CA SER A 251 -3.85 -16.51 -33.90
C SER A 251 -5.04 -17.23 -34.46
N GLY A 252 -6.17 -16.52 -34.54
CA GLY A 252 -7.44 -17.12 -34.99
C GLY A 252 -8.27 -17.82 -33.89
N GLU A 253 -7.69 -18.05 -32.71
CA GLU A 253 -8.42 -18.62 -31.59
C GLU A 253 -8.88 -17.60 -30.54
N GLU A 254 -8.87 -16.31 -30.90
CA GLU A 254 -9.20 -15.23 -29.94
C GLU A 254 -10.58 -15.39 -29.32
N GLN A 255 -11.54 -15.87 -30.13
CA GLN A 255 -12.91 -15.99 -29.67
C GLN A 255 -13.17 -17.05 -28.62
N ARG A 256 -12.25 -17.98 -28.44
CA ARG A 256 -12.33 -18.96 -27.38
C ARG A 256 -11.94 -18.42 -25.99
N TYR A 257 -11.42 -17.18 -25.96
CA TYR A 257 -10.93 -16.55 -24.76
C TYR A 257 -11.94 -15.50 -24.25
N THR A 258 -12.28 -15.60 -22.97
CA THR A 258 -13.17 -14.64 -22.30
C THR A 258 -12.52 -14.09 -21.03
N CYS A 259 -12.61 -12.79 -20.86
CA CYS A 259 -12.18 -12.13 -19.61
C CYS A 259 -13.38 -11.93 -18.64
N HIS A 260 -13.17 -12.27 -17.39
CA HIS A 260 -14.22 -12.20 -16.40
C HIS A 260 -13.79 -11.23 -15.33
N VAL A 261 -14.69 -10.31 -14.95
CA VAL A 261 -14.39 -9.17 -14.04
C VAL A 261 -15.36 -9.18 -12.87
N GLN A 262 -14.81 -9.39 -11.67
CA GLN A 262 -15.58 -9.33 -10.43
C GLN A 262 -15.18 -8.11 -9.63
N HIS A 263 -16.13 -7.24 -9.37
CA HIS A 263 -15.89 -6.10 -8.51
C HIS A 263 -17.15 -5.75 -7.76
N GLU A 264 -16.97 -5.18 -6.58
CA GLU A 264 -18.05 -4.78 -5.68
C GLU A 264 -19.01 -3.79 -6.27
N GLY A 265 -18.50 -2.86 -7.06
CA GLY A 265 -19.30 -1.92 -7.81
C GLY A 265 -20.09 -2.45 -9.00
N LEU A 266 -19.99 -3.74 -9.31
CA LEU A 266 -20.69 -4.31 -10.44
C LEU A 266 -21.83 -5.21 -9.90
N PRO A 267 -23.08 -4.91 -10.31
CA PRO A 267 -24.17 -5.83 -9.92
C PRO A 267 -23.99 -7.28 -10.45
N LYS A 268 -23.55 -7.39 -11.70
CA LYS A 268 -23.25 -8.70 -12.30
C LYS A 268 -21.76 -8.77 -12.67
N PRO A 269 -21.14 -9.91 -12.41
CA PRO A 269 -19.82 -10.13 -12.99
C PRO A 269 -19.85 -9.98 -14.53
N LEU A 270 -18.85 -9.31 -15.08
CA LEU A 270 -18.76 -9.04 -16.48
C LEU A 270 -17.98 -10.14 -17.21
N THR A 271 -18.40 -10.40 -18.45
CA THR A 271 -17.72 -11.25 -19.38
C THR A 271 -17.39 -10.40 -20.60
N LEU A 272 -16.10 -10.30 -20.94
CA LEU A 272 -15.63 -9.53 -22.12
C LEU A 272 -14.87 -10.40 -23.08
N ARG A 273 -14.93 -10.03 -24.35
CA ARG A 273 -14.18 -10.66 -25.42
CA ARG A 273 -14.20 -10.67 -25.44
C ARG A 273 -13.57 -9.55 -26.25
N TRP A 274 -12.58 -9.91 -27.05
CA TRP A 274 -12.00 -8.97 -27.98
C TRP A 274 -12.91 -8.78 -29.20
N GLU A 275 -13.04 -7.53 -29.65
CA GLU A 275 -13.79 -7.18 -30.88
C GLU A 275 -12.87 -6.51 -31.90
N PRO A 276 -12.58 -7.20 -33.03
CA PRO A 276 -11.68 -6.65 -34.07
C PRO A 276 -12.07 -5.26 -34.53
N MET B 1 20.32 -10.19 6.66
CA MET B 1 18.84 -9.97 6.65
C MET B 1 18.30 -10.09 5.23
N ILE B 2 16.99 -10.19 5.16
CA ILE B 2 16.32 -10.38 3.88
C ILE B 2 16.33 -9.07 3.05
N GLN B 3 16.31 -9.23 1.74
CA GLN B 3 16.15 -8.13 0.80
C GLN B 3 15.18 -8.55 -0.28
N ARG B 4 14.28 -7.64 -0.65
CA ARG B 4 13.31 -7.88 -1.72
C ARG B 4 13.39 -6.79 -2.78
N THR B 5 13.48 -7.20 -4.04
CA THR B 5 13.69 -6.24 -5.11
C THR B 5 12.35 -5.65 -5.51
N PRO B 6 12.33 -4.37 -5.91
CA PRO B 6 11.09 -3.74 -6.25
C PRO B 6 10.47 -4.18 -7.56
N LYS B 7 9.16 -4.30 -7.57
CA LYS B 7 8.41 -4.31 -8.81
C LYS B 7 8.20 -2.88 -9.28
N ILE B 8 8.16 -2.68 -10.58
CA ILE B 8 8.13 -1.35 -11.18
C ILE B 8 7.05 -1.33 -12.26
N GLN B 9 6.13 -0.38 -12.18
CA GLN B 9 5.13 -0.14 -13.22
C GLN B 9 5.13 1.32 -13.58
N VAL B 10 5.15 1.61 -14.88
CA VAL B 10 5.10 2.96 -15.42
C VAL B 10 3.86 3.09 -16.29
N TYR B 11 3.07 4.14 -16.05
CA TYR B 11 1.71 4.24 -16.61
C TYR B 11 1.15 5.62 -16.32
N SER B 12 0.12 5.98 -17.08
CA SER B 12 -0.56 7.23 -16.94
C SER B 12 -1.85 7.09 -16.11
N ARG B 13 -2.26 8.16 -15.47
CA ARG B 13 -3.48 8.18 -14.69
C ARG B 13 -4.72 7.98 -15.55
N HIS B 14 -4.81 8.73 -16.64
CA HIS B 14 -5.90 8.63 -17.63
C HIS B 14 -5.34 8.07 -18.94
N PRO B 15 -6.17 7.47 -19.77
CA PRO B 15 -5.70 7.03 -21.07
C PRO B 15 -5.04 8.19 -21.83
N ALA B 16 -3.87 7.93 -22.41
CA ALA B 16 -3.02 8.95 -23.00
C ALA B 16 -3.63 9.48 -24.28
N GLU B 17 -3.69 10.80 -24.36
CA GLU B 17 -4.19 11.46 -25.55
C GLU B 17 -3.25 12.64 -25.84
N ASN B 18 -2.59 12.62 -27.00
CA ASN B 18 -1.65 13.69 -27.37
C ASN B 18 -2.25 15.07 -27.21
N GLY B 19 -1.46 15.98 -26.63
CA GLY B 19 -1.88 17.32 -26.36
C GLY B 19 -2.77 17.51 -25.17
N LYS B 20 -3.05 16.45 -24.41
CA LYS B 20 -3.94 16.52 -23.25
C LYS B 20 -3.17 16.29 -21.94
N SER B 21 -3.35 17.18 -20.98
CA SER B 21 -2.66 17.11 -19.73
C SER B 21 -3.09 15.83 -19.01
N ASN B 22 -2.16 15.25 -18.27
CA ASN B 22 -2.36 13.92 -17.69
C ASN B 22 -1.42 13.79 -16.47
N PHE B 23 -1.24 12.57 -15.98
CA PHE B 23 -0.26 12.32 -14.93
C PHE B 23 0.51 11.09 -15.28
N LEU B 24 1.84 11.22 -15.24
CA LEU B 24 2.73 10.09 -15.40
C LEU B 24 3.05 9.51 -14.00
N ASN B 25 2.88 8.21 -13.87
CA ASN B 25 3.07 7.49 -12.60
C ASN B 25 4.18 6.47 -12.71
N CYS B 26 4.97 6.36 -11.64
CA CYS B 26 5.82 5.20 -11.45
C CYS B 26 5.52 4.61 -10.05
N TYR B 27 5.07 3.37 -10.03
CA TYR B 27 4.68 2.67 -8.82
C TYR B 27 5.65 1.58 -8.52
N VAL B 28 6.40 1.75 -7.42
CA VAL B 28 7.37 0.75 -6.96
C VAL B 28 6.75 0.02 -5.78
N SER B 29 6.91 -1.29 -5.72
CA SER B 29 6.25 -2.09 -4.73
C SER B 29 7.00 -3.37 -4.43
N GLY B 30 6.70 -3.94 -3.26
CA GLY B 30 7.22 -5.22 -2.89
C GLY B 30 8.68 -5.25 -2.52
N PHE B 31 9.24 -4.10 -2.12
CA PHE B 31 10.66 -3.99 -1.86
C PHE B 31 10.96 -3.88 -0.36
N HIS B 32 12.16 -4.35 0.01
CA HIS B 32 12.72 -4.17 1.36
C HIS B 32 14.23 -4.27 1.22
N PRO B 33 14.99 -3.39 1.89
CA PRO B 33 14.59 -2.32 2.78
C PRO B 33 13.94 -1.13 2.03
N SER B 34 13.54 -0.10 2.77
CA SER B 34 12.74 0.96 2.23
C SER B 34 13.51 2.03 1.46
N ASP B 35 14.84 2.07 1.62
CA ASP B 35 15.66 3.05 0.89
C ASP B 35 15.57 2.72 -0.60
N ILE B 36 15.14 3.69 -1.37
CA ILE B 36 15.01 3.50 -2.79
C ILE B 36 15.19 4.87 -3.48
N GLU B 37 15.60 4.83 -4.74
CA GLU B 37 15.74 6.02 -5.56
C GLU B 37 14.92 5.85 -6.83
N VAL B 38 14.07 6.82 -7.11
CA VAL B 38 13.15 6.77 -8.23
C VAL B 38 13.21 8.10 -8.98
N ASP B 39 13.50 8.01 -10.29
CA ASP B 39 13.43 9.18 -11.18
C ASP B 39 12.46 8.93 -12.33
N LEU B 40 11.75 9.97 -12.71
CA LEU B 40 10.99 9.96 -13.96
C LEU B 40 11.82 10.67 -15.02
N LEU B 41 11.86 10.08 -16.22
CA LEU B 41 12.70 10.58 -17.32
C LEU B 41 11.86 11.05 -18.51
N LYS B 42 12.30 12.16 -19.11
CA LYS B 42 11.75 12.70 -20.35
C LYS B 42 12.89 12.74 -21.39
N ASN B 43 12.82 11.83 -22.35
CA ASN B 43 13.82 11.70 -23.41
C ASN B 43 15.20 11.51 -22.81
N GLY B 44 15.30 10.59 -21.84
CA GLY B 44 16.55 10.29 -21.16
C GLY B 44 16.96 11.22 -20.02
N GLU B 45 16.28 12.34 -19.84
CA GLU B 45 16.67 13.33 -18.86
C GLU B 45 15.69 13.35 -17.68
N ARG B 46 16.20 13.69 -16.50
CA ARG B 46 15.44 13.65 -15.29
C ARG B 46 14.43 14.76 -15.27
N ILE B 47 13.17 14.45 -14.99
CA ILE B 47 12.15 15.47 -14.75
C ILE B 47 12.34 16.04 -13.35
N GLU B 48 12.10 17.34 -13.21
CA GLU B 48 12.52 18.07 -12.03
C GLU B 48 11.64 17.94 -10.85
N LYS B 49 10.35 18.20 -11.03
CA LYS B 49 9.45 18.40 -9.88
C LYS B 49 8.53 17.18 -9.61
N VAL B 50 9.14 16.04 -9.39
CA VAL B 50 8.42 14.81 -9.19
C VAL B 50 8.00 14.72 -7.71
N GLU B 51 6.74 14.41 -7.48
CA GLU B 51 6.19 14.21 -6.14
C GLU B 51 6.09 12.68 -5.87
N HIS B 52 6.06 12.33 -4.58
CA HIS B 52 5.82 10.95 -4.18
C HIS B 52 4.92 10.82 -2.96
N SER B 53 4.29 9.68 -2.84
CA SER B 53 3.45 9.38 -1.68
C SER B 53 4.29 9.12 -0.45
N ASP B 54 3.63 9.08 0.72
CA ASP B 54 4.30 8.74 1.96
C ASP B 54 4.48 7.24 2.10
N LEU B 55 5.58 6.84 2.71
CA LEU B 55 5.97 5.44 2.82
C LEU B 55 4.91 4.65 3.55
N SER B 56 4.49 3.56 2.91
CA SER B 56 3.58 2.60 3.52
C SER B 56 3.93 1.18 3.06
N PHE B 57 3.22 0.19 3.58
CA PHE B 57 3.61 -1.21 3.36
C PHE B 57 2.40 -2.11 3.32
N SER B 58 2.58 -3.23 2.65
CA SER B 58 1.51 -4.21 2.43
C SER B 58 1.49 -5.24 3.57
N LYS B 59 0.58 -6.21 3.46
CA LYS B 59 0.36 -7.20 4.53
C LYS B 59 1.61 -8.04 4.80
N ASP B 60 2.44 -8.27 3.78
CA ASP B 60 3.67 -9.03 3.92
C ASP B 60 4.87 -8.19 4.33
N TRP B 61 4.60 -6.95 4.76
CA TRP B 61 5.58 -5.97 5.26
C TRP B 61 6.37 -5.26 4.21
N SER B 62 6.23 -5.64 2.93
CA SER B 62 6.97 -5.02 1.87
C SER B 62 6.40 -3.64 1.55
N PHE B 63 7.30 -2.72 1.20
CA PHE B 63 6.97 -1.31 1.00
C PHE B 63 6.49 -1.02 -0.40
N TYR B 64 5.71 0.05 -0.51
CA TYR B 64 5.34 0.58 -1.84
C TYR B 64 5.33 2.10 -1.82
N LEU B 65 5.62 2.70 -2.98
CA LEU B 65 5.59 4.14 -3.17
C LEU B 65 5.09 4.45 -4.56
N LEU B 66 4.40 5.58 -4.68
CA LEU B 66 3.99 6.11 -5.96
C LEU B 66 4.67 7.47 -6.23
N TYR B 67 5.39 7.54 -7.33
CA TYR B 67 6.00 8.79 -7.81
C TYR B 67 5.21 9.24 -8.99
N TYR B 68 5.00 10.54 -9.11
CA TYR B 68 4.09 11.09 -10.10
C TYR B 68 4.41 12.53 -10.47
N THR B 69 3.98 12.90 -11.67
CA THR B 69 4.14 14.26 -12.15
C THR B 69 3.15 14.55 -13.25
N GLU B 70 2.77 15.80 -13.37
CA GLU B 70 1.92 16.24 -14.46
C GLU B 70 2.70 16.20 -15.75
N PHE B 71 2.05 15.83 -16.85
CA PHE B 71 2.68 15.85 -18.15
C PHE B 71 1.64 15.86 -19.26
N THR B 72 2.09 16.32 -20.43
CA THR B 72 1.26 16.32 -21.62
C THR B 72 1.95 15.48 -22.68
N PRO B 73 1.49 14.24 -22.88
CA PRO B 73 2.17 13.39 -23.83
C PRO B 73 2.01 13.89 -25.28
N THR B 74 3.04 13.60 -26.07
CA THR B 74 3.02 13.85 -27.50
C THR B 74 3.35 12.57 -28.21
N GLU B 75 3.44 12.62 -29.53
CA GLU B 75 3.86 11.44 -30.28
C GLU B 75 5.34 11.19 -30.19
N LYS B 76 6.11 12.26 -30.06
CA LYS B 76 7.58 12.14 -30.13
C LYS B 76 8.19 11.76 -28.77
N ASP B 77 7.65 12.31 -27.70
CA ASP B 77 8.31 12.26 -26.40
C ASP B 77 8.27 10.88 -25.78
N GLU B 78 9.42 10.38 -25.37
CA GLU B 78 9.55 9.09 -24.69
C GLU B 78 9.75 9.32 -23.18
N TYR B 79 9.06 8.50 -22.38
CA TYR B 79 9.12 8.63 -20.92
C TYR B 79 9.50 7.30 -20.31
N ALA B 80 10.11 7.37 -19.14
CA ALA B 80 10.59 6.19 -18.48
C ALA B 80 10.66 6.45 -16.98
N CYS B 81 10.87 5.38 -16.23
CA CYS B 81 11.18 5.43 -14.80
C CYS B 81 12.49 4.73 -14.54
N ARG B 82 13.34 5.34 -13.71
CA ARG B 82 14.65 4.78 -13.37
C ARG B 82 14.70 4.54 -11.87
N VAL B 83 14.99 3.30 -11.48
CA VAL B 83 14.90 2.88 -10.11
C VAL B 83 16.24 2.30 -9.69
N ASN B 84 16.75 2.72 -8.55
CA ASN B 84 17.93 2.16 -7.93
C ASN B 84 17.60 1.66 -6.51
N HIS B 85 18.15 0.50 -6.18
CA HIS B 85 17.88 -0.14 -4.89
C HIS B 85 19.08 -1.03 -4.58
N VAL B 86 19.26 -1.35 -3.30
CA VAL B 86 20.37 -2.22 -2.88
C VAL B 86 20.40 -3.57 -3.58
N THR B 87 19.23 -4.09 -3.91
CA THR B 87 19.12 -5.38 -4.64
C THR B 87 19.55 -5.31 -6.11
N LEU B 88 19.68 -4.09 -6.66
CA LEU B 88 20.02 -3.90 -8.05
C LEU B 88 21.49 -3.52 -8.21
N SER B 89 22.22 -4.32 -8.99
CA SER B 89 23.63 -4.02 -9.30
C SER B 89 23.78 -2.77 -10.14
N GLN B 90 22.72 -2.39 -10.85
CA GLN B 90 22.69 -1.15 -11.62
C GLN B 90 21.24 -0.64 -11.65
N PRO B 91 21.03 0.66 -11.91
CA PRO B 91 19.67 1.18 -12.04
C PRO B 91 18.88 0.46 -13.10
N LYS B 92 17.64 0.11 -12.80
CA LYS B 92 16.73 -0.47 -13.77
C LYS B 92 15.85 0.61 -14.38
N ILE B 93 15.69 0.58 -15.70
CA ILE B 93 14.91 1.57 -16.42
C ILE B 93 13.74 0.83 -17.08
N VAL B 94 12.51 1.29 -16.81
CA VAL B 94 11.30 0.75 -17.41
C VAL B 94 10.66 1.84 -18.21
N LYS B 95 10.41 1.54 -19.49
CA LYS B 95 9.87 2.53 -20.44
C LYS B 95 8.35 2.61 -20.33
N TRP B 96 7.80 3.82 -20.42
CA TRP B 96 6.37 3.99 -20.54
C TRP B 96 5.91 3.45 -21.91
N ASP B 97 4.97 2.53 -21.88
CA ASP B 97 4.32 2.01 -23.07
C ASP B 97 2.85 2.28 -22.92
N ARG B 98 2.33 3.22 -23.72
CA ARG B 98 0.97 3.73 -23.56
C ARG B 98 -0.11 2.70 -23.85
N ASP B 99 0.29 1.44 -24.03
CA ASP B 99 -0.61 0.25 -24.03
C ASP B 99 -0.29 -0.73 -22.90
N MET B 100 0.27 -0.21 -21.79
CA MET B 100 0.57 -0.98 -20.55
C MET B 100 0.47 -0.08 -19.26
N LYS C 1 -9.26 7.36 15.00
CA LYS C 1 -8.52 7.87 16.18
C LYS C 1 -7.47 6.82 16.61
N ARG C 2 -6.27 7.30 16.91
CA ARG C 2 -5.17 6.43 17.26
C ARG C 2 -5.25 5.90 18.69
N TRP C 3 -4.54 4.80 18.92
CA TRP C 3 -4.44 4.18 20.21
C TRP C 3 -3.44 4.93 21.08
N ILE C 4 -3.88 5.26 22.29
CA ILE C 4 -3.03 6.00 23.29
C ILE C 4 -2.42 4.98 24.26
N ILE C 5 -1.12 4.83 24.17
CA ILE C 5 -0.42 3.84 24.97
C ILE C 5 0.71 4.44 25.85
N LEU C 6 1.15 5.66 25.53
CA LEU C 6 2.10 6.45 26.35
C LEU C 6 3.42 5.70 26.61
N GLY C 7 3.96 5.07 25.57
CA GLY C 7 5.22 4.35 25.69
C GLY C 7 5.27 3.11 26.60
N LEU C 8 4.13 2.63 27.09
CA LEU C 8 4.11 1.44 28.00
C LEU C 8 4.48 0.10 27.27
N ASN C 9 4.29 0.06 25.97
CA ASN C 9 4.58 -1.12 25.18
C ASN C 9 5.96 -1.11 24.55
N LYS C 10 7.00 -0.82 25.34
CA LYS C 10 8.37 -0.91 24.85
C LYS C 10 8.70 -2.36 24.49
N ILE C 11 9.43 -2.51 23.41
CA ILE C 11 9.89 -3.82 22.97
C ILE C 11 10.92 -4.40 23.96
C1 GOL D . -5.32 0.40 1.78
O1 GOL D . -5.19 0.08 0.40
C2 GOL D . -4.59 -0.63 2.60
O2 GOL D . -3.54 0.06 3.32
C3 GOL D . -5.64 -1.32 3.47
O3 GOL D . -5.31 -1.20 4.84
#